data_6Y6Q
#
_entry.id   6Y6Q
#
_cell.length_a   92.647
_cell.length_b   92.647
_cell.length_c   318.545
_cell.angle_alpha   90.000
_cell.angle_beta   90.000
_cell.angle_gamma   120.000
#
_symmetry.space_group_name_H-M   'H 3 2'
#
loop_
_entity.id
_entity.type
_entity.pdbx_description
1 polymer 'Envelope polyprotein'
2 branched alpha-D-mannopyranose-(1-6)-beta-D-mannopyranose-(1-4)-2-acetamido-2-deoxy-beta-D-glucopyranose-(1-4)-2-acetamido-2-deoxy-beta-D-glucopyranose
3 non-polymer 'SULFATE ION'
4 water water
#
_entity_poly.entity_id   1
_entity_poly.type   'polypeptide(L)'
_entity_poly.pdbx_seq_one_letter_code
;RSETPLMESGWSDTAHGVGEIPMKTDLELDFSLPSSSSYSYRRKLTNPANKEESIPFHFQMEKQVIHAEIQPLGHWMDAT
FNIKTAFHCYGACQKYSYPWQTSKCFFEKDYQYETGWGCNPGDCPGVGTGCTACGVYLDKLKSVGKAYKIISLKYTRKVC
IQLGTEQTCKHIDANDCLVTPSVKVCIVGTVSKLQPSDTLLFLGPLEQGGIILKQWCTTSCAFGDPGDIMSTPSGMRCPE
HTGSFRKICGFATTPVCEYQGNTISGYKRMMATKDSFQSFNLTEPHITTNKLEWIDPDGNTRDHVNLVLNRDVSFQDLSD
NPCKVDLHTQAIEGAWGSGVGFTLTCTVGLTECPSFMTSIKACDLAMCYGSTVTNLARGSNTVKVVGKGGHSGSSFKCCH
DTDCSSEGLLASAPHLERVTGFNQIDSDKVYDDGAPPCTFKCWFTKSGEWLLGILNGNGPFEDDDDKAGWSHPQFEKGGG
SGGGSGGGSWSHPQFEK
;
_entity_poly.pdbx_strand_id   A
#
loop_
_chem_comp.id
_chem_comp.type
_chem_comp.name
_chem_comp.formula
BMA D-saccharide, beta linking beta-D-mannopyranose 'C6 H12 O6'
MAN D-saccharide, alpha linking alpha-D-mannopyranose 'C6 H12 O6'
NAG D-saccharide, beta linking 2-acetamido-2-deoxy-beta-D-glucopyranose 'C8 H15 N O6'
SO4 non-polymer 'SULFATE ION' 'O4 S -2'
#
# COMPACT_ATOMS: atom_id res chain seq x y z
N GLY A 10 17.27 33.27 -3.38
CA GLY A 10 18.02 32.81 -2.23
C GLY A 10 18.49 31.38 -2.37
N TRP A 11 18.93 30.80 -1.25
CA TRP A 11 19.40 29.42 -1.28
C TRP A 11 18.22 28.45 -1.33
N SER A 12 18.49 27.26 -1.86
CA SER A 12 17.51 26.21 -2.02
C SER A 12 18.21 24.92 -2.41
N ASP A 13 17.79 23.81 -1.80
CA ASP A 13 18.32 22.49 -2.13
C ASP A 13 17.25 21.57 -2.72
N THR A 14 16.08 22.10 -3.06
CA THR A 14 15.02 21.27 -3.62
C THR A 14 15.35 20.82 -5.04
N ALA A 15 16.05 21.66 -5.80
CA ALA A 15 16.50 21.27 -7.13
C ALA A 15 17.64 20.27 -7.00
N HIS A 16 17.38 19.03 -7.43
CA HIS A 16 18.40 17.97 -7.45
C HIS A 16 18.96 17.92 -8.85
N GLY A 17 20.10 18.57 -9.07
CA GLY A 17 20.69 18.62 -10.39
C GLY A 17 21.89 19.54 -10.42
N VAL A 18 22.32 19.84 -11.64
CA VAL A 18 23.58 20.54 -11.88
C VAL A 18 23.39 21.61 -12.93
N GLY A 19 24.30 22.59 -12.91
CA GLY A 19 24.51 23.50 -14.03
C GLY A 19 25.88 23.21 -14.62
N GLU A 20 25.92 23.05 -15.94
CA GLU A 20 27.13 22.62 -16.62
C GLU A 20 27.39 23.47 -17.84
N ILE A 21 28.62 23.40 -18.33
CA ILE A 21 28.99 23.84 -19.66
C ILE A 21 29.16 22.58 -20.52
N PRO A 22 28.31 22.34 -21.52
CA PRO A 22 28.42 21.09 -22.29
C PRO A 22 29.75 20.94 -23.01
N MET A 23 30.34 22.05 -23.47
CA MET A 23 31.66 21.98 -24.09
C MET A 23 32.66 21.33 -23.16
N LYS A 24 32.55 21.60 -21.86
CA LYS A 24 33.45 21.06 -20.85
C LYS A 24 33.01 19.69 -20.33
N THR A 25 32.04 19.05 -20.97
CA THR A 25 31.56 17.75 -20.50
C THR A 25 32.47 16.64 -21.03
N ASP A 26 32.93 15.79 -20.11
CA ASP A 26 33.80 14.68 -20.49
C ASP A 26 33.02 13.54 -21.13
N LEU A 27 31.78 13.33 -20.72
CA LEU A 27 31.02 12.17 -21.18
C LEU A 27 29.55 12.34 -20.79
N GLU A 28 28.66 11.94 -21.69
CA GLU A 28 27.22 11.97 -21.45
C GLU A 28 26.60 10.66 -21.88
N LEU A 29 25.74 10.11 -21.02
CA LEU A 29 24.98 8.90 -21.31
C LEU A 29 23.50 9.25 -21.35
N ASP A 30 22.80 8.76 -22.37
CA ASP A 30 21.37 9.01 -22.53
C ASP A 30 20.74 7.77 -23.16
N PHE A 31 19.99 7.02 -22.35
CA PHE A 31 19.44 5.75 -22.79
C PHE A 31 18.16 5.46 -22.01
N SER A 32 17.37 4.53 -22.54
CA SER A 32 16.21 3.99 -21.86
C SER A 32 16.53 2.60 -21.36
N LEU A 33 16.10 2.29 -20.14
CA LEU A 33 16.42 1.01 -19.53
C LEU A 33 15.17 0.37 -18.96
N PRO A 34 15.00 -0.94 -19.12
CA PRO A 34 13.89 -1.61 -18.43
C PRO A 34 14.01 -1.44 -16.93
N SER A 35 12.84 -1.37 -16.27
CA SER A 35 12.83 -1.31 -14.81
C SER A 35 13.45 -2.54 -14.20
N SER A 36 13.33 -3.68 -14.87
CA SER A 36 13.82 -4.95 -14.37
C SER A 36 15.26 -5.25 -14.78
N SER A 37 15.98 -4.26 -15.28
CA SER A 37 17.35 -4.46 -15.77
C SER A 37 18.33 -3.65 -14.93
N SER A 38 19.54 -4.18 -14.80
CA SER A 38 20.66 -3.44 -14.25
C SER A 38 21.42 -2.76 -15.39
N TYR A 39 22.46 -2.01 -15.04
CA TYR A 39 23.33 -1.45 -16.06
C TYR A 39 24.71 -1.20 -15.46
N SER A 40 25.74 -1.48 -16.27
CA SER A 40 27.13 -1.33 -15.86
C SER A 40 27.92 -0.72 -17.00
N TYR A 41 28.75 0.27 -16.67
CA TYR A 41 29.55 0.98 -17.66
C TYR A 41 30.94 1.21 -17.09
N ARG A 42 31.97 0.90 -17.87
CA ARG A 42 33.35 1.04 -17.42
C ARG A 42 34.19 1.66 -18.52
N ARG A 43 34.74 2.84 -18.25
CA ARG A 43 35.64 3.54 -19.15
C ARG A 43 36.77 4.15 -18.33
N LYS A 44 37.98 4.16 -18.89
CA LYS A 44 39.13 4.74 -18.23
C LYS A 44 39.24 6.21 -18.63
N LEU A 45 39.19 7.10 -17.64
CA LEU A 45 39.28 8.53 -17.88
C LEU A 45 40.75 8.96 -17.91
N THR A 46 41.09 9.79 -18.89
CA THR A 46 42.47 10.17 -19.13
C THR A 46 42.92 11.26 -18.17
N ASN A 47 44.23 11.33 -17.95
CA ASN A 47 44.82 12.31 -17.06
C ASN A 47 45.98 13.02 -17.73
N SER A 54 45.92 6.42 -15.47
CA SER A 54 44.56 6.69 -15.93
C SER A 54 43.57 6.57 -14.77
N ILE A 55 42.48 7.32 -14.85
CA ILE A 55 41.49 7.37 -13.79
C ILE A 55 40.41 6.33 -14.09
N PRO A 56 40.15 5.40 -13.19
CA PRO A 56 39.03 4.46 -13.40
C PRO A 56 37.69 5.12 -13.12
N PHE A 57 36.67 4.67 -13.85
CA PHE A 57 35.33 5.22 -13.71
C PHE A 57 34.31 4.10 -13.85
N HIS A 58 33.48 3.93 -12.83
CA HIS A 58 32.48 2.87 -12.78
C HIS A 58 31.12 3.45 -12.47
N PHE A 59 30.11 3.10 -13.27
CA PHE A 59 28.73 3.54 -13.04
C PHE A 59 27.84 2.31 -13.01
N GLN A 60 27.28 2.01 -11.85
CA GLN A 60 26.45 0.83 -11.64
C GLN A 60 25.05 1.26 -11.22
N MET A 61 24.05 0.87 -12.02
CA MET A 61 22.65 1.07 -11.68
C MET A 61 22.00 -0.28 -11.49
N GLU A 62 21.23 -0.43 -10.41
CA GLU A 62 20.61 -1.69 -10.06
C GLU A 62 19.17 -1.74 -10.55
N LYS A 63 18.56 -2.92 -10.41
CA LYS A 63 17.16 -3.08 -10.74
C LYS A 63 16.29 -2.14 -9.91
N GLN A 64 15.16 -1.75 -10.48
CA GLN A 64 14.20 -0.92 -9.76
C GLN A 64 13.44 -1.75 -8.73
N VAL A 65 13.19 -1.16 -7.56
CA VAL A 65 12.51 -1.83 -6.47
C VAL A 65 11.22 -1.09 -6.16
N ILE A 66 10.11 -1.82 -6.16
CA ILE A 66 8.80 -1.25 -5.87
C ILE A 66 8.52 -1.40 -4.37
N HIS A 67 8.14 -0.30 -3.74
CA HIS A 67 7.80 -0.29 -2.31
C HIS A 67 6.34 0.12 -2.18
N ALA A 68 5.50 -0.83 -1.76
CA ALA A 68 4.07 -0.59 -1.61
C ALA A 68 3.72 -0.67 -0.12
N GLU A 69 3.28 0.45 0.44
CA GLU A 69 2.66 0.43 1.76
C GLU A 69 1.27 -0.17 1.61
N ILE A 70 1.02 -1.28 2.28
CA ILE A 70 -0.20 -2.04 2.07
C ILE A 70 -0.98 -2.14 3.37
N GLN A 71 -2.30 -2.21 3.23
CA GLN A 71 -3.17 -2.58 4.33
C GLN A 71 -3.48 -4.06 4.21
N PRO A 72 -3.14 -4.88 5.21
CA PRO A 72 -3.44 -6.32 5.12
C PRO A 72 -4.91 -6.57 5.40
N LEU A 73 -5.57 -7.28 4.49
CA LEU A 73 -7.00 -7.51 4.59
C LEU A 73 -7.36 -8.91 5.06
N GLY A 74 -6.40 -9.83 5.09
CA GLY A 74 -6.65 -11.18 5.55
C GLY A 74 -6.87 -12.17 4.42
N HIS A 75 -7.58 -13.26 4.70
CA HIS A 75 -7.83 -14.31 3.73
C HIS A 75 -9.23 -14.14 3.12
N TRP A 76 -9.28 -14.05 1.80
CA TRP A 76 -10.56 -14.16 1.11
C TRP A 76 -11.04 -15.61 1.17
N MET A 77 -12.34 -15.79 1.36
CA MET A 77 -12.91 -17.11 1.63
C MET A 77 -13.93 -17.50 0.57
N ASP A 78 -13.87 -18.76 0.15
CA ASP A 78 -14.93 -19.40 -0.61
C ASP A 78 -15.86 -20.11 0.36
N ALA A 79 -17.13 -20.26 -0.03
CA ALA A 79 -18.10 -20.90 0.85
C ALA A 79 -19.28 -21.42 0.05
N THR A 80 -20.05 -22.30 0.69
CA THR A 80 -21.33 -22.78 0.17
C THR A 80 -22.46 -22.08 0.91
N PHE A 81 -23.50 -21.69 0.16
CA PHE A 81 -24.66 -21.03 0.73
C PHE A 81 -25.69 -22.08 1.16
N ASN A 82 -26.16 -21.98 2.40
CA ASN A 82 -27.10 -22.93 2.94
C ASN A 82 -28.27 -22.19 3.59
N ILE A 83 -29.45 -22.80 3.49
CA ILE A 83 -30.64 -22.35 4.20
C ILE A 83 -31.32 -23.56 4.80
N LYS A 84 -31.66 -23.47 6.09
CA LYS A 84 -32.34 -24.55 6.79
C LYS A 84 -33.53 -23.99 7.57
N THR A 85 -34.62 -24.74 7.59
CA THR A 85 -35.77 -24.44 8.41
C THR A 85 -35.74 -25.33 9.65
N ALA A 86 -36.21 -24.79 10.77
CA ALA A 86 -36.35 -25.55 12.00
C ALA A 86 -37.69 -25.16 12.63
N PHE A 87 -38.67 -26.04 12.54
CA PHE A 87 -39.97 -25.82 13.16
C PHE A 87 -40.12 -26.77 14.36
N HIS A 88 -40.21 -26.20 15.55
CA HIS A 88 -40.57 -26.94 16.75
C HIS A 88 -41.83 -26.31 17.34
N CYS A 89 -42.72 -27.16 17.85
CA CYS A 89 -44.00 -26.70 18.37
C CYS A 89 -43.90 -26.11 19.78
N TYR A 90 -42.75 -26.27 20.43
CA TYR A 90 -42.59 -25.78 21.80
C TYR A 90 -42.69 -24.25 21.85
N GLY A 91 -42.73 -23.72 23.07
CA GLY A 91 -42.95 -22.30 23.25
C GLY A 91 -41.67 -21.48 23.00
N ALA A 92 -41.85 -20.33 22.35
CA ALA A 92 -40.81 -19.36 22.09
C ALA A 92 -39.76 -19.86 21.10
N CYS A 93 -39.07 -18.93 20.43
CA CYS A 93 -38.01 -19.28 19.48
C CYS A 93 -36.62 -19.27 20.11
N GLN A 94 -36.37 -18.40 21.08
CA GLN A 94 -35.03 -18.27 21.64
C GLN A 94 -34.65 -19.42 22.56
N LYS A 95 -35.64 -20.13 23.11
CA LYS A 95 -35.39 -21.09 24.19
C LYS A 95 -34.65 -22.34 23.75
N TYR A 96 -34.23 -22.47 22.49
CA TYR A 96 -33.72 -23.77 22.06
C TYR A 96 -32.45 -23.74 21.21
N SER A 97 -32.11 -22.63 20.55
CA SER A 97 -30.93 -22.55 19.68
C SER A 97 -31.01 -23.55 18.52
N TYR A 98 -30.14 -23.41 17.52
CA TYR A 98 -30.31 -24.10 16.26
C TYR A 98 -28.96 -24.53 15.71
N PRO A 99 -28.93 -25.57 14.87
CA PRO A 99 -27.63 -26.14 14.47
C PRO A 99 -26.72 -25.18 13.74
N TRP A 100 -27.26 -24.30 12.90
CA TRP A 100 -26.43 -23.40 12.11
C TRP A 100 -25.70 -22.38 12.97
N GLN A 101 -26.08 -22.22 14.24
CA GLN A 101 -25.49 -21.18 15.07
C GLN A 101 -24.07 -21.51 15.50
N THR A 102 -23.54 -22.67 15.11
CA THR A 102 -22.12 -22.96 15.26
C THR A 102 -21.29 -22.48 14.07
N SER A 103 -21.93 -22.17 12.95
CA SER A 103 -21.20 -21.67 11.79
C SER A 103 -20.51 -20.35 12.12
N LYS A 104 -19.43 -20.07 11.39
CA LYS A 104 -18.71 -18.82 11.58
C LYS A 104 -19.56 -17.63 11.14
N CYS A 105 -20.33 -17.79 10.07
CA CYS A 105 -21.18 -16.74 9.53
C CYS A 105 -22.57 -17.31 9.28
N PHE A 106 -23.57 -16.78 9.98
CA PHE A 106 -24.95 -17.15 9.75
C PHE A 106 -25.84 -15.93 9.97
N PHE A 107 -26.95 -15.88 9.23
CA PHE A 107 -27.94 -14.81 9.35
C PHE A 107 -29.30 -15.43 9.61
N GLU A 108 -30.01 -14.93 10.61
CA GLU A 108 -31.17 -15.61 11.16
C GLU A 108 -32.39 -14.70 11.20
N LYS A 109 -33.54 -15.26 10.85
CA LYS A 109 -34.84 -14.61 10.96
C LYS A 109 -35.83 -15.58 11.60
N ASP A 110 -36.56 -15.11 12.60
CA ASP A 110 -37.47 -15.93 13.38
C ASP A 110 -38.90 -15.40 13.24
N TYR A 111 -39.80 -16.24 12.72
CA TYR A 111 -41.22 -15.92 12.65
C TYR A 111 -41.90 -16.47 13.90
N GLN A 112 -42.02 -15.63 14.92
CA GLN A 112 -42.53 -16.03 16.23
C GLN A 112 -43.94 -15.49 16.44
N TYR A 113 -44.82 -16.34 16.98
CA TYR A 113 -46.16 -15.93 17.44
C TYR A 113 -46.95 -15.24 16.33
N GLU A 114 -46.99 -15.88 15.16
CA GLU A 114 -47.70 -15.32 14.01
C GLU A 114 -48.46 -16.44 13.32
N THR A 115 -49.30 -16.05 12.37
CA THR A 115 -50.12 -16.99 11.62
C THR A 115 -49.62 -17.13 10.18
N GLY A 118 -53.87 -21.77 9.80
CA GLY A 118 -53.43 -21.24 8.52
C GLY A 118 -52.03 -21.67 8.15
N CYS A 119 -51.22 -21.99 9.16
CA CYS A 119 -49.85 -22.44 8.95
C CYS A 119 -49.43 -23.55 9.89
N ASN A 120 -50.27 -23.94 10.85
CA ASN A 120 -49.89 -24.95 11.82
C ASN A 120 -49.92 -26.34 11.19
N PRO A 121 -48.81 -27.08 11.20
CA PRO A 121 -48.86 -28.48 10.76
C PRO A 121 -49.54 -29.36 11.80
N GLY A 122 -49.72 -30.64 11.49
CA GLY A 122 -50.40 -31.53 12.41
C GLY A 122 -49.66 -31.69 13.72
N ASP A 123 -50.40 -32.16 14.72
CA ASP A 123 -49.95 -32.41 16.09
C ASP A 123 -49.53 -31.15 16.83
N CYS A 124 -49.64 -29.98 16.21
CA CYS A 124 -49.25 -28.72 16.84
C CYS A 124 -50.47 -27.82 17.01
N PRO A 125 -51.05 -27.71 18.21
CA PRO A 125 -52.14 -26.77 18.43
C PRO A 125 -51.66 -25.44 19.03
N GLY A 130 -45.76 -21.92 18.98
CA GLY A 130 -44.89 -22.49 17.98
C GLY A 130 -43.78 -21.55 17.55
N CYS A 131 -42.78 -22.10 16.85
CA CYS A 131 -41.65 -21.34 16.37
C CYS A 131 -41.22 -21.87 15.01
N THR A 132 -41.05 -20.96 14.05
CA THR A 132 -40.52 -21.28 12.73
C THR A 132 -39.18 -20.55 12.59
N ALA A 133 -38.09 -21.30 12.65
CA ALA A 133 -36.75 -20.74 12.64
C ALA A 133 -36.15 -20.87 11.25
N CYS A 134 -35.83 -19.74 10.63
CA CYS A 134 -35.12 -19.69 9.36
C CYS A 134 -33.65 -19.38 9.63
N GLY A 135 -32.77 -19.99 8.86
CA GLY A 135 -31.35 -19.73 9.00
C GLY A 135 -30.58 -19.90 7.71
N VAL A 136 -29.96 -18.82 7.24
CA VAL A 136 -29.00 -18.89 6.15
C VAL A 136 -27.60 -18.85 6.76
N TYR A 137 -26.73 -19.74 6.30
CA TYR A 137 -25.39 -19.83 6.84
C TYR A 137 -24.42 -20.31 5.77
N LEU A 138 -23.15 -20.08 6.03
CA LEU A 138 -22.06 -20.45 5.12
C LEU A 138 -21.21 -21.51 5.79
N ASP A 139 -20.93 -22.59 5.06
CA ASP A 139 -20.02 -23.61 5.53
C ASP A 139 -19.11 -24.01 4.37
N LYS A 140 -18.30 -25.05 4.60
CA LYS A 140 -17.24 -25.44 3.67
C LYS A 140 -16.31 -24.26 3.38
N LEU A 141 -16.05 -23.47 4.41
CA LEU A 141 -15.21 -22.29 4.26
C LEU A 141 -13.78 -22.69 3.93
N LYS A 142 -13.25 -22.12 2.84
CA LYS A 142 -11.93 -22.45 2.34
C LYS A 142 -11.23 -21.16 1.96
N SER A 143 -10.03 -20.95 2.49
CA SER A 143 -9.24 -19.80 2.10
C SER A 143 -8.81 -19.94 0.64
N VAL A 144 -8.98 -18.85 -0.12
CA VAL A 144 -8.62 -18.85 -1.54
C VAL A 144 -7.51 -17.86 -1.86
N GLY A 145 -7.02 -17.12 -0.89
CA GLY A 145 -5.91 -16.22 -1.10
C GLY A 145 -5.94 -15.05 -0.14
N LYS A 146 -4.81 -14.37 -0.04
CA LYS A 146 -4.66 -13.19 0.79
C LYS A 146 -4.80 -11.93 -0.04
N ALA A 147 -5.31 -10.87 0.59
CA ALA A 147 -5.64 -9.64 -0.11
C ALA A 147 -5.02 -8.45 0.60
N TYR A 148 -4.56 -7.47 -0.18
CA TYR A 148 -3.89 -6.28 0.34
C TYR A 148 -4.33 -5.07 -0.46
N LYS A 149 -4.59 -3.97 0.25
CA LYS A 149 -4.95 -2.71 -0.38
C LYS A 149 -3.76 -1.75 -0.34
N ILE A 150 -3.43 -1.18 -1.49
CA ILE A 150 -2.19 -0.41 -1.65
C ILE A 150 -2.40 1.00 -1.13
N ILE A 151 -1.63 1.39 -0.13
CA ILE A 151 -1.67 2.76 0.38
C ILE A 151 -0.88 3.70 -0.53
N SER A 152 0.40 3.39 -0.76
CA SER A 152 1.26 4.26 -1.54
C SER A 152 2.29 3.41 -2.28
N LEU A 153 2.83 3.99 -3.34
CA LEU A 153 3.81 3.32 -4.19
C LEU A 153 5.06 4.20 -4.33
N LYS A 154 6.23 3.57 -4.25
CA LYS A 154 7.50 4.25 -4.36
C LYS A 154 8.47 3.39 -5.16
N TYR A 155 9.08 3.97 -6.19
CA TYR A 155 9.96 3.27 -7.09
C TYR A 155 11.37 3.81 -6.93
N THR A 156 12.31 2.92 -6.59
CA THR A 156 13.68 3.32 -6.28
C THR A 156 14.67 2.43 -7.04
N ARG A 157 15.85 2.99 -7.30
CA ARG A 157 16.95 2.27 -7.91
C ARG A 157 18.24 2.62 -7.17
N LYS A 158 19.08 1.62 -6.94
CA LYS A 158 20.38 1.86 -6.31
C LYS A 158 21.40 2.19 -7.39
N VAL A 159 22.15 3.28 -7.17
CA VAL A 159 23.12 3.78 -8.14
C VAL A 159 24.42 4.03 -7.41
N CYS A 160 25.51 3.49 -7.94
CA CYS A 160 26.85 3.68 -7.38
C CYS A 160 27.74 4.31 -8.43
N ILE A 161 28.50 5.32 -8.00
CA ILE A 161 29.42 6.05 -8.87
C ILE A 161 30.79 6.05 -8.21
N GLN A 162 31.80 5.61 -8.96
CA GLN A 162 33.18 5.60 -8.48
C GLN A 162 34.05 6.35 -9.48
N LEU A 163 34.43 7.58 -9.13
CA LEU A 163 35.37 8.37 -9.92
C LEU A 163 36.71 8.36 -9.18
N GLY A 164 37.67 7.62 -9.74
CA GLY A 164 38.94 7.42 -9.08
C GLY A 164 38.80 6.67 -7.78
N THR A 165 39.16 7.31 -6.67
CA THR A 165 39.14 6.67 -5.36
C THR A 165 37.96 7.09 -4.50
N GLU A 166 37.04 7.89 -5.04
CA GLU A 166 35.86 8.34 -4.31
C GLU A 166 34.63 7.66 -4.89
N GLN A 167 33.89 6.98 -4.03
CA GLN A 167 32.66 6.30 -4.42
C GLN A 167 31.46 6.96 -3.77
N THR A 168 30.36 7.05 -4.52
CA THR A 168 29.10 7.58 -4.02
C THR A 168 27.97 6.66 -4.45
N CYS A 169 27.24 6.11 -3.48
CA CYS A 169 26.08 5.28 -3.71
C CYS A 169 24.86 5.90 -3.04
N LYS A 170 23.72 5.85 -3.73
CA LYS A 170 22.46 6.31 -3.16
C LYS A 170 21.31 5.57 -3.83
N HIS A 171 20.20 5.47 -3.12
CA HIS A 171 18.95 4.98 -3.68
C HIS A 171 18.16 6.16 -4.23
N ILE A 172 17.98 6.19 -5.55
CA ILE A 172 17.33 7.31 -6.22
C ILE A 172 15.86 6.97 -6.44
N ASP A 173 14.98 7.90 -6.09
CA ASP A 173 13.57 7.75 -6.41
C ASP A 173 13.35 8.01 -7.89
N ALA A 174 12.26 7.45 -8.42
CA ALA A 174 11.87 7.75 -9.79
C ALA A 174 11.67 9.26 -9.94
N ASN A 175 12.01 9.76 -11.12
CA ASN A 175 11.90 11.19 -11.44
C ASN A 175 12.68 12.04 -10.43
N ASP A 176 13.92 11.61 -10.15
CA ASP A 176 14.81 12.32 -9.25
C ASP A 176 16.24 12.12 -9.74
N CYS A 177 17.15 12.99 -9.27
CA CYS A 177 18.52 13.00 -9.72
C CYS A 177 19.50 12.87 -8.55
N LEU A 178 20.64 12.23 -8.83
CA LEU A 178 21.76 12.17 -7.91
C LEU A 178 22.86 13.11 -8.40
N VAL A 179 23.48 13.85 -7.47
CA VAL A 179 24.49 14.84 -7.80
C VAL A 179 25.74 14.56 -6.97
N THR A 180 26.83 14.25 -7.63
CA THR A 180 28.15 14.12 -7.04
C THR A 180 29.01 15.32 -7.42
N PRO A 181 30.22 15.45 -6.83
CA PRO A 181 31.08 16.59 -7.20
C PRO A 181 31.25 16.81 -8.69
N SER A 182 31.13 15.76 -9.51
CA SER A 182 31.33 15.92 -10.94
C SER A 182 30.42 15.05 -11.81
N VAL A 183 29.49 14.28 -11.24
CA VAL A 183 28.59 13.43 -12.02
C VAL A 183 27.15 13.75 -11.63
N LYS A 184 26.28 13.81 -12.63
CA LYS A 184 24.85 13.96 -12.43
C LYS A 184 24.14 12.78 -13.09
N VAL A 185 23.31 12.09 -12.32
CA VAL A 185 22.53 10.96 -12.80
C VAL A 185 21.06 11.26 -12.54
N CYS A 186 20.26 11.27 -13.59
CA CYS A 186 18.84 11.55 -13.51
C CYS A 186 18.06 10.39 -14.11
N ILE A 187 16.93 10.07 -13.46
CA ILE A 187 15.98 9.08 -13.95
C ILE A 187 14.66 9.79 -14.18
N VAL A 188 13.96 9.42 -15.26
CA VAL A 188 12.63 9.93 -15.57
C VAL A 188 11.81 8.76 -16.11
N GLY A 189 10.76 8.39 -15.39
CA GLY A 189 9.96 7.25 -15.81
C GLY A 189 8.49 7.33 -15.46
N THR A 190 7.63 7.12 -16.45
CA THR A 190 6.19 7.02 -16.21
C THR A 190 5.81 5.65 -15.65
N VAL A 191 6.65 5.10 -14.78
CA VAL A 191 6.43 3.76 -14.22
C VAL A 191 5.32 3.85 -13.18
N SER A 192 4.16 3.28 -13.51
CA SER A 192 2.99 3.32 -12.64
C SER A 192 1.89 2.39 -13.14
N LYS A 193 2.13 1.09 -13.10
CA LYS A 193 1.07 0.14 -13.46
C LYS A 193 0.08 0.00 -12.31
N LEU A 194 0.59 -0.34 -11.12
CA LEU A 194 -0.25 -0.33 -9.93
C LEU A 194 -0.59 1.10 -9.53
N GLN A 195 -1.73 1.26 -8.88
CA GLN A 195 -2.24 2.54 -8.40
C GLN A 195 -2.56 2.46 -6.92
N PRO A 196 -2.48 3.58 -6.21
CA PRO A 196 -2.89 3.58 -4.80
C PRO A 196 -4.38 3.26 -4.68
N SER A 197 -4.72 2.59 -3.57
CA SER A 197 -6.06 2.09 -3.30
C SER A 197 -6.49 0.98 -4.24
N ASP A 198 -5.55 0.41 -5.00
CA ASP A 198 -5.80 -0.85 -5.68
C ASP A 198 -5.81 -1.99 -4.68
N THR A 199 -6.46 -3.09 -5.05
CA THR A 199 -6.56 -4.26 -4.20
C THR A 199 -5.83 -5.42 -4.88
N LEU A 200 -4.85 -5.97 -4.17
CA LEU A 200 -4.03 -7.07 -4.66
C LEU A 200 -4.49 -8.38 -4.02
N LEU A 201 -4.75 -9.38 -4.85
CA LEU A 201 -5.17 -10.70 -4.41
C LEU A 201 -4.16 -11.72 -4.88
N PHE A 202 -3.59 -12.46 -3.93
CA PHE A 202 -2.62 -13.51 -4.21
C PHE A 202 -3.29 -14.86 -3.95
N LEU A 203 -3.65 -15.57 -5.03
CA LEU A 203 -4.21 -16.90 -4.89
C LEU A 203 -3.17 -17.91 -4.43
N GLY A 204 -1.89 -17.57 -4.49
CA GLY A 204 -0.84 -18.44 -4.03
C GLY A 204 0.22 -17.71 -3.23
N PRO A 205 1.39 -18.32 -3.09
CA PRO A 205 2.54 -17.58 -2.54
C PRO A 205 2.83 -16.34 -3.38
N LEU A 206 3.36 -15.31 -2.73
CA LEU A 206 3.62 -14.03 -3.39
C LEU A 206 4.38 -14.23 -4.70
N GLU A 207 5.36 -15.14 -4.69
CA GLU A 207 6.20 -15.46 -5.84
C GLU A 207 5.38 -15.72 -7.10
N GLN A 208 4.19 -16.29 -6.94
CA GLN A 208 3.37 -16.69 -8.08
C GLN A 208 2.49 -15.57 -8.62
N GLY A 209 2.58 -14.37 -8.06
CA GLY A 209 1.91 -13.21 -8.62
C GLY A 209 0.56 -12.94 -7.97
N GLY A 210 0.01 -11.77 -8.31
CA GLY A 210 -1.27 -11.35 -7.79
C GLY A 210 -2.19 -10.88 -8.90
N ILE A 211 -3.42 -10.54 -8.51
CA ILE A 211 -4.42 -10.00 -9.41
C ILE A 211 -4.86 -8.64 -8.88
N ILE A 212 -4.91 -7.65 -9.75
CA ILE A 212 -5.39 -6.32 -9.40
C ILE A 212 -6.91 -6.32 -9.53
N LEU A 213 -7.59 -5.80 -8.50
CA LEU A 213 -9.03 -5.67 -8.53
C LEU A 213 -9.39 -4.22 -8.23
N LYS A 214 -9.99 -3.55 -9.21
CA LYS A 214 -10.50 -2.21 -8.99
C LYS A 214 -11.76 -2.25 -8.13
N GLN A 215 -12.60 -3.26 -8.33
CA GLN A 215 -13.77 -3.48 -7.48
C GLN A 215 -13.40 -4.49 -6.39
N TRP A 216 -13.58 -4.06 -5.15
CA TRP A 216 -13.36 -4.89 -3.98
C TRP A 216 -14.19 -4.26 -2.86
N CYS A 217 -15.11 -5.04 -2.29
CA CYS A 217 -16.09 -4.46 -1.37
C CYS A 217 -15.41 -3.90 -0.14
N THR A 218 -15.91 -2.74 0.33
CA THR A 218 -15.28 -2.01 1.42
C THR A 218 -16.31 -1.46 2.39
N THR A 219 -17.26 -0.67 1.88
CA THR A 219 -18.28 -0.05 2.71
C THR A 219 -19.58 -0.83 2.74
N SER A 220 -19.80 -1.73 1.77
CA SER A 220 -21.05 -2.49 1.65
C SER A 220 -20.70 -3.85 1.06
N CYS A 221 -20.20 -4.74 1.91
CA CYS A 221 -19.82 -6.08 1.49
C CYS A 221 -21.05 -6.99 1.60
N ALA A 222 -21.56 -7.41 0.44
CA ALA A 222 -22.63 -8.39 0.38
C ALA A 222 -22.08 -9.72 -0.12
N PHE A 223 -22.79 -10.79 0.21
CA PHE A 223 -22.44 -12.11 -0.28
C PHE A 223 -22.50 -12.13 -1.80
N GLY A 224 -21.38 -12.51 -2.43
CA GLY A 224 -21.23 -12.45 -3.86
C GLY A 224 -20.39 -11.28 -4.34
N ASP A 225 -20.18 -10.28 -3.50
CA ASP A 225 -19.27 -9.19 -3.85
C ASP A 225 -17.83 -9.69 -3.85
N PRO A 226 -16.96 -9.06 -4.64
CA PRO A 226 -15.52 -9.34 -4.53
C PRO A 226 -15.03 -8.99 -3.14
N GLY A 227 -14.46 -9.99 -2.47
CA GLY A 227 -14.06 -9.80 -1.09
C GLY A 227 -15.17 -9.96 -0.08
N ASP A 228 -16.13 -10.84 -0.32
CA ASP A 228 -17.32 -10.88 0.53
C ASP A 228 -17.02 -11.50 1.89
N ILE A 229 -16.33 -12.63 1.93
CA ILE A 229 -16.01 -13.34 3.17
C ILE A 229 -14.52 -13.22 3.42
N MET A 230 -14.15 -12.55 4.52
CA MET A 230 -12.77 -12.16 4.79
C MET A 230 -12.36 -12.66 6.17
N SER A 231 -11.44 -13.63 6.21
CA SER A 231 -10.88 -14.13 7.47
C SER A 231 -9.72 -13.24 7.88
N THR A 232 -9.94 -12.42 8.89
CA THR A 232 -8.94 -11.49 9.37
C THR A 232 -8.30 -12.01 10.65
N PRO A 233 -7.17 -11.45 11.07
CA PRO A 233 -6.57 -11.85 12.35
C PRO A 233 -7.50 -11.64 13.55
N SER A 234 -8.30 -10.57 13.57
CA SER A 234 -9.22 -10.34 14.68
C SER A 234 -10.50 -11.17 14.58
N GLY A 235 -10.49 -12.24 13.80
CA GLY A 235 -11.64 -13.10 13.61
C GLY A 235 -12.14 -13.03 12.18
N MET A 236 -13.35 -13.57 11.98
CA MET A 236 -13.98 -13.57 10.67
C MET A 236 -14.72 -12.26 10.42
N ARG A 237 -14.86 -11.92 9.15
CA ARG A 237 -15.67 -10.79 8.69
C ARG A 237 -16.68 -11.32 7.69
N CYS A 238 -17.96 -11.33 8.07
CA CYS A 238 -19.05 -11.98 7.38
C CYS A 238 -19.85 -11.01 6.52
N PRO A 239 -20.24 -11.41 5.32
CA PRO A 239 -21.02 -10.53 4.46
C PRO A 239 -22.48 -10.48 4.86
N GLU A 240 -23.11 -9.34 4.57
CA GLU A 240 -24.55 -9.23 4.69
C GLU A 240 -25.23 -9.97 3.54
N HIS A 241 -26.40 -10.52 3.83
CA HIS A 241 -27.25 -11.13 2.81
C HIS A 241 -28.41 -10.18 2.56
N THR A 242 -28.46 -9.61 1.36
CA THR A 242 -29.40 -8.56 1.00
C THR A 242 -30.74 -9.09 0.53
N GLY A 243 -30.87 -10.40 0.34
CA GLY A 243 -32.11 -10.98 -0.10
C GLY A 243 -33.21 -10.81 0.95
N SER A 244 -34.35 -11.41 0.64
CA SER A 244 -35.52 -11.29 1.48
C SER A 244 -35.97 -12.67 1.95
N PHE A 245 -36.48 -12.72 3.17
CA PHE A 245 -37.03 -13.95 3.72
C PHE A 245 -38.53 -14.05 3.45
N ARG A 246 -39.04 -15.27 3.57
CA ARG A 246 -40.45 -15.56 3.35
C ARG A 246 -40.74 -16.89 4.02
N LYS A 247 -41.86 -16.96 4.74
CA LYS A 247 -42.32 -18.19 5.37
C LYS A 247 -43.38 -18.83 4.48
N ILE A 248 -43.10 -20.03 4.00
CA ILE A 248 -44.03 -20.75 3.14
C ILE A 248 -44.94 -21.61 4.01
N CYS A 249 -46.23 -21.60 3.67
CA CYS A 249 -47.18 -22.51 4.30
C CYS A 249 -47.95 -23.25 3.20
N THR A 253 -48.78 -29.35 6.47
CA THR A 253 -47.35 -29.52 6.25
C THR A 253 -46.55 -28.50 7.07
N THR A 254 -45.35 -28.88 7.49
CA THR A 254 -44.56 -27.96 8.31
C THR A 254 -44.01 -26.83 7.43
N PRO A 255 -43.94 -25.61 7.96
CA PRO A 255 -43.53 -24.46 7.14
C PRO A 255 -42.08 -24.58 6.68
N VAL A 256 -41.83 -24.08 5.49
CA VAL A 256 -40.49 -24.06 4.90
C VAL A 256 -40.05 -22.61 4.74
N CYS A 257 -38.79 -22.34 5.04
CA CYS A 257 -38.23 -21.02 4.83
C CYS A 257 -37.75 -20.86 3.39
N GLU A 258 -37.97 -19.67 2.83
CA GLU A 258 -37.53 -19.36 1.48
C GLU A 258 -36.72 -18.08 1.47
N TYR A 259 -35.64 -18.07 0.68
CA TYR A 259 -34.76 -16.91 0.57
C TYR A 259 -34.60 -16.57 -0.91
N GLN A 260 -34.96 -15.34 -1.27
CA GLN A 260 -34.71 -14.80 -2.61
C GLN A 260 -33.47 -13.91 -2.53
N GLY A 261 -32.34 -14.44 -2.95
CA GLY A 261 -31.11 -13.67 -2.93
C GLY A 261 -29.99 -14.43 -3.60
N ASN A 262 -28.82 -13.80 -3.62
CA ASN A 262 -27.65 -14.40 -4.26
C ASN A 262 -27.17 -15.61 -3.49
N THR A 263 -27.03 -16.73 -4.20
CA THR A 263 -26.54 -17.98 -3.63
C THR A 263 -25.05 -18.20 -3.87
N ILE A 264 -24.50 -17.63 -4.93
CA ILE A 264 -23.15 -17.94 -5.39
C ILE A 264 -22.16 -16.96 -4.78
N SER A 265 -21.04 -17.49 -4.30
CA SER A 265 -20.05 -16.71 -3.56
C SER A 265 -19.27 -15.79 -4.50
N GLY A 266 -18.70 -14.75 -3.90
CA GLY A 266 -17.90 -13.80 -4.68
C GLY A 266 -16.72 -14.45 -5.38
N TYR A 267 -16.05 -15.38 -4.68
CA TYR A 267 -14.93 -16.09 -5.31
C TYR A 267 -15.37 -16.83 -6.57
N LYS A 268 -16.42 -17.63 -6.46
CA LYS A 268 -16.90 -18.38 -7.61
C LYS A 268 -17.33 -17.47 -8.76
N ARG A 269 -17.85 -16.28 -8.44
CA ARG A 269 -18.24 -15.36 -9.51
C ARG A 269 -17.02 -14.75 -10.18
N MET A 270 -15.92 -14.58 -9.46
CA MET A 270 -14.72 -13.99 -10.06
C MET A 270 -13.97 -15.02 -10.89
N MET A 271 -13.79 -16.23 -10.37
CA MET A 271 -13.11 -17.30 -11.10
C MET A 271 -13.80 -17.61 -12.41
N ALA A 272 -15.13 -17.50 -12.46
CA ALA A 272 -15.87 -17.73 -13.68
C ALA A 272 -15.51 -16.74 -14.77
N THR A 273 -15.03 -15.56 -14.41
CA THR A 273 -14.62 -14.51 -15.35
C THR A 273 -13.23 -14.00 -14.99
N LYS A 274 -12.38 -14.90 -14.47
CA LYS A 274 -11.10 -14.49 -13.89
C LYS A 274 -10.21 -13.78 -14.90
N ASP A 275 -10.20 -14.24 -16.15
CA ASP A 275 -9.33 -13.70 -17.18
C ASP A 275 -9.66 -12.25 -17.52
N SER A 276 -10.64 -11.65 -16.85
CA SER A 276 -11.00 -10.26 -17.06
C SER A 276 -10.15 -9.28 -16.26
N PHE A 277 -9.35 -9.76 -15.31
CA PHE A 277 -8.66 -8.89 -14.37
C PHE A 277 -7.16 -8.88 -14.62
N GLN A 278 -6.53 -7.78 -14.22
CA GLN A 278 -5.11 -7.56 -14.52
C GLN A 278 -4.25 -8.28 -13.50
N SER A 279 -3.30 -9.04 -13.99
CA SER A 279 -2.30 -9.66 -13.13
C SER A 279 -1.07 -8.76 -13.05
N PHE A 280 -0.20 -9.09 -12.11
CA PHE A 280 1.11 -8.47 -11.96
C PHE A 280 1.98 -9.49 -11.26
N ASN A 281 3.21 -9.65 -11.74
CA ASN A 281 4.10 -10.64 -11.17
C ASN A 281 5.15 -9.96 -10.30
N LEU A 282 5.80 -10.76 -9.46
CA LEU A 282 6.76 -10.28 -8.49
C LEU A 282 7.96 -11.20 -8.49
N THR A 283 9.16 -10.63 -8.63
CA THR A 283 10.39 -11.38 -8.44
C THR A 283 10.98 -11.04 -7.08
N GLU A 284 11.59 -12.05 -6.45
CA GLU A 284 12.15 -12.04 -5.08
C GLU A 284 11.42 -11.08 -4.16
N PRO A 285 10.15 -11.36 -3.83
CA PRO A 285 9.39 -10.42 -3.01
C PRO A 285 9.63 -10.63 -1.53
N HIS A 286 9.57 -9.53 -0.80
CA HIS A 286 9.76 -9.50 0.65
C HIS A 286 8.59 -8.74 1.26
N ILE A 287 8.04 -9.26 2.36
CA ILE A 287 6.79 -8.75 2.91
C ILE A 287 6.91 -8.58 4.42
N THR A 288 6.37 -7.48 4.93
CA THR A 288 6.22 -7.21 6.35
C THR A 288 4.73 -6.93 6.63
N THR A 289 4.44 -6.45 7.84
CA THR A 289 3.05 -6.26 8.23
C THR A 289 2.36 -5.21 7.37
N ASN A 290 3.08 -4.15 7.01
CA ASN A 290 2.49 -2.99 6.35
C ASN A 290 3.16 -2.63 5.03
N LYS A 291 4.03 -3.48 4.51
CA LYS A 291 4.81 -3.10 3.33
C LYS A 291 5.13 -4.33 2.49
N LEU A 292 4.98 -4.20 1.17
CA LEU A 292 5.32 -5.23 0.22
C LEU A 292 6.42 -4.71 -0.72
N GLU A 293 7.45 -5.52 -0.91
CA GLU A 293 8.67 -5.13 -1.61
C GLU A 293 8.98 -6.16 -2.68
N TRP A 294 9.16 -5.74 -3.93
CA TRP A 294 9.53 -6.69 -4.97
C TRP A 294 10.16 -5.95 -6.14
N ILE A 295 10.48 -6.74 -7.17
CA ILE A 295 10.98 -6.24 -8.45
C ILE A 295 10.03 -6.72 -9.53
N ASP A 296 9.52 -5.78 -10.32
CA ASP A 296 8.57 -6.11 -11.38
C ASP A 296 9.30 -6.73 -12.56
N PRO A 297 9.01 -7.98 -12.92
CA PRO A 297 9.76 -8.64 -14.00
C PRO A 297 9.31 -8.27 -15.40
N ASP A 298 8.36 -7.35 -15.56
CA ASP A 298 7.93 -6.96 -16.90
C ASP A 298 8.98 -6.06 -17.52
N GLY A 299 9.65 -6.54 -18.57
CA GLY A 299 10.70 -5.80 -19.23
C GLY A 299 10.24 -4.68 -20.15
N ASN A 300 8.94 -4.44 -20.26
CA ASN A 300 8.42 -3.36 -21.10
C ASN A 300 8.35 -2.02 -20.36
N THR A 301 8.43 -2.03 -19.04
CA THR A 301 8.40 -0.78 -18.26
C THR A 301 9.78 -0.15 -18.30
N ARG A 302 9.92 0.96 -19.01
CA ARG A 302 11.22 1.58 -19.24
C ARG A 302 11.22 3.02 -18.75
N ASP A 303 12.31 3.41 -18.10
CA ASP A 303 12.52 4.78 -17.69
C ASP A 303 13.76 5.33 -18.38
N HIS A 304 13.85 6.66 -18.42
CA HIS A 304 14.94 7.33 -19.11
C HIS A 304 16.04 7.65 -18.12
N VAL A 305 17.28 7.35 -18.50
CA VAL A 305 18.45 7.54 -17.64
C VAL A 305 19.44 8.45 -18.37
N ASN A 306 19.92 9.46 -17.66
CA ASN A 306 20.87 10.43 -18.21
C ASN A 306 22.00 10.62 -17.22
N LEU A 307 23.24 10.39 -17.66
CA LEU A 307 24.43 10.60 -16.85
C LEU A 307 25.33 11.61 -17.55
N VAL A 308 25.84 12.57 -16.78
CA VAL A 308 26.76 13.58 -17.30
C VAL A 308 27.98 13.62 -16.39
N LEU A 309 29.16 13.41 -16.98
CA LEU A 309 30.43 13.50 -16.28
C LEU A 309 31.13 14.77 -16.77
N ASN A 310 31.30 15.72 -15.86
CA ASN A 310 31.83 17.04 -16.21
C ASN A 310 32.68 17.51 -15.03
N ARG A 311 34.01 17.45 -15.20
CA ARG A 311 34.94 17.73 -14.13
C ARG A 311 35.42 19.18 -14.11
N ASP A 312 34.73 20.07 -14.82
CA ASP A 312 35.16 21.45 -14.88
C ASP A 312 34.74 22.20 -13.61
N VAL A 313 35.51 23.25 -13.29
CA VAL A 313 35.23 24.06 -12.11
C VAL A 313 33.87 24.73 -12.20
N SER A 314 33.34 24.94 -13.41
CA SER A 314 32.04 25.54 -13.60
C SER A 314 30.89 24.56 -13.42
N PHE A 315 31.19 23.31 -13.09
CA PHE A 315 30.17 22.28 -12.86
C PHE A 315 29.59 22.47 -11.47
N GLN A 316 28.46 23.16 -11.39
CA GLN A 316 27.88 23.57 -10.10
C GLN A 316 26.76 22.62 -9.70
N ASP A 317 26.88 22.08 -8.49
CA ASP A 317 25.78 21.36 -7.87
C ASP A 317 24.71 22.36 -7.45
N LEU A 318 23.51 22.24 -8.02
CA LEU A 318 22.46 23.22 -7.75
C LEU A 318 21.96 23.15 -6.31
N SER A 319 22.16 22.03 -5.62
CA SER A 319 21.68 21.88 -4.25
C SER A 319 22.70 22.30 -3.21
N ASP A 320 23.86 22.81 -3.61
CA ASP A 320 24.86 23.27 -2.65
C ASP A 320 24.33 24.46 -1.85
N ASN A 321 24.55 24.43 -0.54
CA ASN A 321 24.07 25.50 0.33
C ASN A 321 24.79 25.45 1.66
N PRO A 322 25.10 26.60 2.27
CA PRO A 322 25.79 26.59 3.57
C PRO A 322 24.81 26.57 4.74
N CYS A 323 23.56 26.23 4.48
CA CYS A 323 22.52 26.35 5.48
C CYS A 323 22.52 25.15 6.44
N LYS A 324 22.03 25.39 7.65
CA LYS A 324 21.92 24.38 8.70
C LYS A 324 20.49 24.32 9.19
N VAL A 325 20.03 23.11 9.50
CA VAL A 325 18.62 22.85 9.79
C VAL A 325 18.53 22.04 11.08
N ASP A 326 17.81 22.57 12.07
CA ASP A 326 17.52 21.87 13.30
C ASP A 326 16.09 21.34 13.27
N LEU A 327 15.89 20.15 13.80
CA LEU A 327 14.62 19.45 13.69
C LEU A 327 14.09 19.04 15.06
N HIS A 328 12.79 19.23 15.24
CA HIS A 328 12.09 18.77 16.43
C HIS A 328 10.66 18.44 16.05
N THR A 329 10.20 17.25 16.43
CA THR A 329 8.84 16.82 16.16
C THR A 329 7.91 17.43 17.20
N GLN A 330 7.01 18.31 16.76
CA GLN A 330 6.15 19.01 17.71
C GLN A 330 4.94 18.18 18.11
N ALA A 331 4.18 17.69 17.13
CA ALA A 331 2.97 16.93 17.42
C ALA A 331 2.64 16.06 16.21
N ILE A 332 1.66 15.18 16.40
CA ILE A 332 1.22 14.27 15.35
C ILE A 332 -0.28 14.09 15.47
N GLU A 333 -0.93 13.88 14.32
CA GLU A 333 -2.34 13.57 14.24
C GLU A 333 -2.58 12.75 12.99
N GLY A 334 -3.63 11.95 13.01
CA GLY A 334 -3.86 11.00 11.95
C GLY A 334 -3.38 9.62 12.33
N ALA A 335 -3.41 8.72 11.36
CA ALA A 335 -3.25 7.30 11.61
C ALA A 335 -2.13 6.70 10.77
N TRP A 336 -1.49 5.67 11.33
CA TRP A 336 -0.60 4.84 10.55
C TRP A 336 -1.41 3.89 9.69
N GLY A 337 -0.75 3.26 8.73
CA GLY A 337 -1.41 2.27 7.89
C GLY A 337 -2.68 2.78 7.22
N SER A 338 -2.68 4.03 6.79
CA SER A 338 -3.87 4.66 6.24
C SER A 338 -3.56 5.43 4.96
N GLY A 339 -4.37 5.21 3.94
CA GLY A 339 -4.32 6.02 2.74
C GLY A 339 -4.76 7.46 2.94
N VAL A 340 -5.28 7.80 4.11
CA VAL A 340 -5.52 9.20 4.46
C VAL A 340 -4.28 9.83 5.06
N GLY A 341 -3.56 9.06 5.87
CA GLY A 341 -2.27 9.45 6.37
C GLY A 341 -2.33 10.10 7.75
N PHE A 342 -1.17 10.59 8.16
CA PHE A 342 -0.99 11.28 9.43
C PHE A 342 -0.32 12.62 9.16
N THR A 343 -0.60 13.60 10.01
CA THR A 343 -0.04 14.93 9.87
C THR A 343 0.96 15.19 10.98
N LEU A 344 2.17 15.58 10.60
CA LEU A 344 3.30 15.70 11.52
C LEU A 344 3.71 17.17 11.60
N THR A 345 3.58 17.75 12.79
CA THR A 345 3.96 19.14 13.02
C THR A 345 5.44 19.18 13.42
N CYS A 346 6.24 19.89 12.63
CA CYS A 346 7.68 19.96 12.83
C CYS A 346 8.09 21.36 13.26
N THR A 347 9.07 21.42 14.15
CA THR A 347 9.71 22.68 14.53
C THR A 347 11.08 22.71 13.87
N VAL A 348 11.24 23.59 12.89
CA VAL A 348 12.42 23.62 12.03
C VAL A 348 13.15 24.94 12.26
N GLY A 349 14.30 24.87 12.93
CA GLY A 349 15.15 26.04 13.11
C GLY A 349 16.15 26.16 11.98
N LEU A 350 16.38 27.40 11.54
CA LEU A 350 17.28 27.69 10.43
C LEU A 350 18.38 28.63 10.90
N THR A 351 19.63 28.25 10.66
CA THR A 351 20.77 29.10 10.93
C THR A 351 21.66 29.18 9.70
N GLU A 352 22.55 30.18 9.70
CA GLU A 352 23.59 30.40 8.70
C GLU A 352 23.03 30.77 7.33
N CYS A 353 21.74 31.07 7.22
CA CYS A 353 21.12 31.44 5.96
C CYS A 353 19.93 32.36 6.23
N PRO A 354 19.76 33.43 5.44
CA PRO A 354 18.59 34.29 5.63
C PRO A 354 17.29 33.57 5.34
N SER A 355 17.23 32.84 4.24
CA SER A 355 16.12 31.96 3.93
C SER A 355 16.67 30.68 3.31
N PHE A 356 15.83 29.66 3.28
CA PHE A 356 16.23 28.36 2.74
C PHE A 356 14.97 27.58 2.39
N MET A 357 14.75 27.37 1.09
CA MET A 357 13.62 26.56 0.63
C MET A 357 14.08 25.11 0.52
N THR A 358 13.43 24.22 1.26
CA THR A 358 13.89 22.84 1.35
C THR A 358 12.70 21.91 1.55
N SER A 359 12.99 20.62 1.66
CA SER A 359 12.00 19.58 1.87
C SER A 359 12.18 18.98 3.26
N ILE A 360 11.08 18.85 4.00
CA ILE A 360 11.07 18.22 5.31
C ILE A 360 10.22 16.97 5.22
N LYS A 361 10.75 15.86 5.72
CA LYS A 361 10.18 14.55 5.48
C LYS A 361 9.70 13.92 6.78
N ALA A 362 8.75 12.98 6.63
CA ALA A 362 8.30 12.14 7.73
C ALA A 362 8.89 10.76 7.52
N CYS A 363 9.78 10.34 8.42
CA CYS A 363 10.48 9.08 8.29
C CYS A 363 10.51 8.38 9.64
N ASP A 364 10.61 7.06 9.59
CA ASP A 364 10.81 6.24 10.78
C ASP A 364 12.12 5.47 10.63
N LEU A 365 12.33 4.49 11.51
CA LEU A 365 13.56 3.70 11.48
C LEU A 365 13.76 3.05 10.11
N ALA A 366 12.67 2.64 9.46
CA ALA A 366 12.78 1.92 8.20
C ALA A 366 13.01 2.86 7.02
N MET A 367 12.07 3.78 6.79
CA MET A 367 12.17 4.68 5.64
C MET A 367 11.23 5.87 5.85
N CYS A 368 11.01 6.62 4.78
CA CYS A 368 10.22 7.85 4.78
C CYS A 368 8.88 7.61 4.09
N TYR A 369 7.90 8.46 4.42
CA TYR A 369 6.54 8.28 3.93
C TYR A 369 5.91 9.56 3.38
N GLY A 370 6.61 10.69 3.39
CA GLY A 370 6.05 11.92 2.85
C GLY A 370 6.93 13.14 3.11
N SER A 371 6.78 14.18 2.29
CA SER A 371 7.65 15.35 2.40
C SER A 371 6.87 16.60 2.02
N THR A 372 7.35 17.74 2.53
CA THR A 372 6.70 19.02 2.30
C THR A 372 7.76 20.08 1.99
N VAL A 373 7.54 20.86 0.94
CA VAL A 373 8.44 21.93 0.55
C VAL A 373 7.99 23.23 1.23
N THR A 374 8.89 23.87 1.95
CA THR A 374 8.61 25.10 2.66
C THR A 374 9.69 26.13 2.36
N ASN A 375 9.40 27.38 2.72
CA ASN A 375 10.34 28.48 2.62
C ASN A 375 10.69 28.93 4.04
N LEU A 376 11.88 28.57 4.49
CA LEU A 376 12.29 28.81 5.87
C LEU A 376 12.90 30.19 6.02
N ALA A 377 12.63 30.84 7.15
CA ALA A 377 13.23 32.10 7.51
C ALA A 377 14.21 31.87 8.67
N ARG A 378 15.02 32.89 8.95
CA ARG A 378 15.95 32.80 10.07
C ARG A 378 15.20 32.56 11.37
N GLY A 379 15.65 31.58 12.13
CA GLY A 379 15.00 31.24 13.39
C GLY A 379 14.08 30.04 13.28
N SER A 380 13.06 29.99 14.12
CA SER A 380 12.18 28.85 14.23
C SER A 380 11.05 28.93 13.19
N ASN A 381 10.68 27.77 12.66
CA ASN A 381 9.56 27.66 11.75
C ASN A 381 8.72 26.44 12.14
N THR A 382 7.46 26.46 11.71
CA THR A 382 6.53 25.35 11.92
C THR A 382 6.15 24.79 10.56
N VAL A 383 6.33 23.49 10.38
CA VAL A 383 6.20 22.83 9.09
C VAL A 383 5.43 21.52 9.27
N LYS A 384 4.36 21.35 8.49
CA LYS A 384 3.46 20.21 8.63
C LYS A 384 3.63 19.27 7.44
N VAL A 385 3.91 18.00 7.73
CA VAL A 385 4.18 16.98 6.71
C VAL A 385 3.12 15.89 6.80
N VAL A 386 2.57 15.51 5.66
CA VAL A 386 1.57 14.44 5.57
C VAL A 386 2.26 13.16 5.14
N GLY A 387 2.23 12.14 6.01
CA GLY A 387 2.78 10.86 5.66
C GLY A 387 1.69 9.84 5.38
N LYS A 388 2.01 8.79 4.63
CA LYS A 388 1.06 7.72 4.35
C LYS A 388 1.76 6.39 4.50
N GLY A 389 1.16 5.51 5.31
CA GLY A 389 1.76 4.24 5.64
C GLY A 389 2.27 4.21 7.06
N GLY A 390 3.28 3.38 7.28
CA GLY A 390 3.79 3.13 8.61
C GLY A 390 2.99 2.06 9.34
N HIS A 391 3.47 1.69 10.51
CA HIS A 391 2.83 0.64 11.29
C HIS A 391 2.65 1.11 12.73
N SER A 392 2.13 0.20 13.56
CA SER A 392 1.85 0.52 14.95
C SER A 392 3.11 0.97 15.68
N GLY A 393 4.24 0.32 15.40
CA GLY A 393 5.48 0.64 16.06
C GLY A 393 6.34 1.69 15.40
N SER A 394 5.89 2.29 14.30
CA SER A 394 6.66 3.33 13.65
C SER A 394 6.67 4.59 14.50
N SER A 395 7.85 5.15 14.74
CA SER A 395 8.00 6.42 15.46
C SER A 395 8.41 7.47 14.42
N PHE A 396 7.42 8.17 13.88
CA PHE A 396 7.66 9.08 12.77
C PHE A 396 8.40 10.32 13.24
N LYS A 397 9.51 10.65 12.57
CA LYS A 397 10.34 11.78 12.90
C LYS A 397 10.40 12.76 11.74
N CYS A 398 10.59 14.04 12.06
CA CYS A 398 10.82 15.06 11.04
C CYS A 398 12.26 14.96 10.55
N CYS A 399 12.43 14.93 9.23
CA CYS A 399 13.75 14.66 8.65
C CYS A 399 14.06 15.63 7.53
N HIS A 400 15.36 15.92 7.37
CA HIS A 400 15.88 16.72 6.28
C HIS A 400 17.13 16.02 5.76
N ASP A 401 17.13 15.67 4.47
CA ASP A 401 18.17 14.84 3.89
C ASP A 401 18.30 13.53 4.65
N THR A 402 19.41 13.37 5.38
CA THR A 402 19.63 12.24 6.27
C THR A 402 19.59 12.64 7.73
N ASP A 403 19.17 13.87 8.03
CA ASP A 403 19.12 14.36 9.40
C ASP A 403 17.66 14.33 9.86
N CYS A 404 17.40 13.62 10.94
CA CYS A 404 16.06 13.52 11.52
C CYS A 404 16.08 14.09 12.93
N SER A 405 14.88 14.34 13.45
CA SER A 405 14.73 14.74 14.84
C SER A 405 15.19 13.60 15.75
N SER A 406 15.56 13.97 16.98
CA SER A 406 15.97 12.96 17.95
C SER A 406 14.79 12.07 18.35
N GLU A 407 13.61 12.65 18.50
CA GLU A 407 12.43 11.95 18.98
C GLU A 407 11.40 11.78 17.87
N GLY A 408 10.64 10.69 17.97
CA GLY A 408 9.55 10.43 17.07
C GLY A 408 8.23 10.28 17.82
N LEU A 409 7.15 10.19 17.05
CA LEU A 409 5.81 10.12 17.62
C LEU A 409 5.02 8.99 16.96
N LEU A 410 4.30 8.24 17.80
CA LEU A 410 3.41 7.20 17.32
C LEU A 410 2.12 7.82 16.81
N ALA A 411 1.51 7.15 15.84
CA ALA A 411 0.26 7.59 15.25
C ALA A 411 -0.90 6.72 15.75
N SER A 412 -2.10 7.11 15.36
CA SER A 412 -3.32 6.42 15.79
C SER A 412 -3.59 5.19 14.92
N ALA A 413 -4.33 4.25 15.49
CA ALA A 413 -4.71 3.07 14.72
C ALA A 413 -5.67 3.47 13.60
N PRO A 414 -5.58 2.83 12.43
CA PRO A 414 -6.49 3.18 11.34
C PRO A 414 -7.88 2.60 11.56
N HIS A 415 -8.89 3.35 11.12
CA HIS A 415 -10.28 2.90 11.18
C HIS A 415 -10.58 2.11 9.91
N LEU A 416 -10.49 0.78 10.02
CA LEU A 416 -10.75 -0.12 8.89
C LEU A 416 -11.69 -1.24 9.35
N GLU A 417 -12.90 -0.85 9.75
CA GLU A 417 -13.90 -1.78 10.27
C GLU A 417 -15.15 -1.77 9.41
N ARG A 418 -15.56 -2.95 8.96
CA ARG A 418 -16.90 -3.10 8.43
C ARG A 418 -17.92 -2.68 9.48
N VAL A 419 -19.05 -2.15 9.01
CA VAL A 419 -20.11 -1.75 9.93
C VAL A 419 -21.02 -2.94 10.26
N THR A 420 -21.18 -3.87 9.34
CA THR A 420 -21.95 -5.10 9.56
C THR A 420 -23.37 -4.81 10.04
C1 NAG B . 2.59 -14.46 -13.15
C2 NAG B . 3.05 -15.92 -13.13
C3 NAG B . 1.93 -16.85 -13.59
C4 NAG B . 0.67 -16.61 -12.76
C5 NAG B . 0.29 -15.13 -12.83
C6 NAG B . -0.88 -14.79 -11.94
C7 NAG B . 5.48 -15.92 -13.52
C8 NAG B . 6.57 -16.17 -14.51
N2 NAG B . 4.23 -16.11 -13.96
O3 NAG B . 2.34 -18.20 -13.48
O4 NAG B . -0.41 -17.38 -13.28
O5 NAG B . 1.39 -14.33 -12.38
O6 NAG B . -0.47 -14.53 -10.61
O7 NAG B . 5.71 -15.56 -12.37
C1 NAG B . -0.65 -18.53 -12.45
C2 NAG B . -2.13 -18.93 -12.64
C3 NAG B . -2.43 -20.26 -11.93
C4 NAG B . -1.42 -21.33 -12.31
C5 NAG B . -0.03 -20.80 -12.02
C6 NAG B . 1.07 -21.78 -12.37
C7 NAG B . -4.12 -17.49 -12.77
C8 NAG B . -4.88 -16.39 -12.10
N2 NAG B . -3.00 -17.88 -12.15
O3 NAG B . -3.76 -20.69 -12.28
O4 NAG B . -1.65 -22.52 -11.56
O5 NAG B . 0.19 -19.63 -12.81
O6 NAG B . 0.82 -22.43 -13.61
O7 NAG B . -4.50 -18.00 -13.81
C1 BMA B . -2.05 -23.55 -12.50
C2 BMA B . -1.26 -24.84 -12.20
C3 BMA B . -1.71 -25.92 -13.18
C4 BMA B . -3.25 -26.10 -13.15
C5 BMA B . -3.95 -24.74 -13.39
C6 BMA B . -5.47 -24.79 -13.26
O2 BMA B . -1.55 -25.33 -10.88
O3 BMA B . -1.07 -27.16 -12.95
O4 BMA B . -3.64 -27.03 -14.15
O5 BMA B . -3.46 -23.80 -12.41
O6 BMA B . -5.80 -24.90 -11.87
C1 MAN B . -6.99 -24.13 -11.59
C2 MAN B . -6.80 -23.43 -10.21
C3 MAN B . -6.90 -24.44 -9.06
C4 MAN B . -8.17 -25.29 -9.18
C5 MAN B . -8.20 -25.98 -10.56
C6 MAN B . -9.46 -26.78 -10.78
O2 MAN B . -7.84 -22.46 -9.96
O3 MAN B . -6.86 -23.80 -7.79
O4 MAN B . -8.18 -26.28 -8.18
O5 MAN B . -8.14 -24.97 -11.60
O6 MAN B . -10.57 -25.89 -10.78
S SO4 C . -0.15 -14.58 6.79
O1 SO4 C . 0.81 -14.43 5.71
O2 SO4 C . -0.81 -13.50 7.51
O3 SO4 C . -1.03 -15.75 6.79
O4 SO4 C . 1.10 -14.07 6.24
S SO4 D . 15.80 14.38 -0.02
O1 SO4 D . 14.37 14.33 -0.36
O2 SO4 D . 16.02 13.60 1.20
O3 SO4 D . 16.57 13.83 -1.12
O4 SO4 D . 16.21 15.76 0.21
#